data_8ZP6
#
_entry.id   8ZP6
#
_cell.length_a   179.29
_cell.length_b   179.29
_cell.length_c   151.35
_cell.angle_alpha   90.0
_cell.angle_beta   90.0
_cell.angle_gamma   120.0
#
_symmetry.space_group_name_H-M   'H 3 2'
#
loop_
_entity.id
_entity.type
_entity.pdbx_description
1 polymer 'AB hydrolase-1 domain-containing protein'
2 water water
#
_entity_poly.entity_id   1
_entity_poly.type   'polypeptide(L)'
_entity_poly.pdbx_seq_one_letter_code
;MTIRRPEHFTHHEVQLSDVKIHYVREGAGPTLLLLHGWPGFWWEWSKVIGPLSERFDVIVPDLRGFGDSEKPDLSDLAQY
SLERVADDQAELLNALGIDQAYVVGHDYSAIVVHKFIRKYPDRVVKAAIFDPITPDFGPFYLGFPHIAESWYSQFHQTDM
SVELVTSSREACRIYFKHFFDHWSYHAPLLTQDELDIYVDNCMKPNNVHGGFNYYRSNLSVTSDPWTDLDRTVSDLPVTM
LWGVGDPVVPSSLVHQVPNYYSNYTMELIQDAGHFMMVEKPEVVIDRLKAGFR
;
_entity_poly.pdbx_strand_id   A
#
# COMPACT_ATOMS: atom_id res chain seq x y z
N ILE A 3 -15.78 -4.66 -14.49
CA ILE A 3 -14.38 -4.89 -14.17
C ILE A 3 -13.47 -4.28 -15.24
N ARG A 4 -12.43 -3.61 -14.82
CA ARG A 4 -11.46 -3.06 -15.76
C ARG A 4 -10.13 -3.80 -15.63
N ARG A 5 -9.87 -4.71 -16.56
CA ARG A 5 -8.72 -5.61 -16.47
C ARG A 5 -7.40 -4.87 -16.67
N PRO A 6 -6.27 -5.47 -16.21
CA PRO A 6 -4.97 -4.78 -16.26
C PRO A 6 -4.61 -4.27 -17.65
N GLU A 7 -4.92 -5.07 -18.66
CA GLU A 7 -4.56 -4.74 -20.02
C GLU A 7 -5.36 -3.55 -20.58
N HIS A 8 -6.39 -3.11 -19.87
CA HIS A 8 -7.18 -1.97 -20.33
C HIS A 8 -6.70 -0.66 -19.72
N PHE A 9 -5.44 -0.64 -19.29
CA PHE A 9 -4.81 0.60 -18.86
C PHE A 9 -3.57 0.83 -19.72
N THR A 10 -3.01 2.04 -19.67
CA THR A 10 -1.75 2.30 -20.35
C THR A 10 -0.57 2.13 -19.41
N HIS A 11 0.37 1.27 -19.81
CA HIS A 11 1.46 0.86 -18.96
C HIS A 11 2.78 1.55 -19.28
N HIS A 12 3.46 2.01 -18.24
CA HIS A 12 4.72 2.71 -18.36
C HIS A 12 5.78 2.09 -17.48
N GLU A 13 7.03 2.30 -17.85
CA GLU A 13 8.14 2.00 -16.97
C GLU A 13 9.12 3.16 -16.99
N VAL A 14 9.75 3.45 -15.85
CA VAL A 14 10.73 4.51 -15.78
C VAL A 14 11.92 4.01 -14.97
N GLN A 15 13.10 4.37 -15.43
CA GLN A 15 14.34 3.96 -14.77
C GLN A 15 14.71 4.97 -13.70
N LEU A 16 14.60 4.57 -12.44
CA LEU A 16 15.00 5.44 -11.34
C LEU A 16 16.42 5.08 -10.96
N SER A 17 16.92 5.65 -9.86
CA SER A 17 18.35 5.56 -9.59
C SER A 17 18.80 4.12 -9.34
N ASP A 18 18.03 3.31 -8.60
CA ASP A 18 18.42 1.90 -8.46
C ASP A 18 17.35 0.86 -8.73
N VAL A 19 16.19 1.30 -9.22
CA VAL A 19 15.14 0.37 -9.64
C VAL A 19 14.39 0.92 -10.84
N LYS A 20 13.84 0.00 -11.63
CA LYS A 20 12.86 0.32 -12.65
C LYS A 20 11.49 0.23 -12.02
N ILE A 21 10.70 1.29 -12.16
CA ILE A 21 9.35 1.28 -11.62
C ILE A 21 8.32 1.26 -12.74
N HIS A 22 7.39 0.31 -12.64
CA HIS A 22 6.24 0.23 -13.52
C HIS A 22 5.05 1.01 -12.95
N TYR A 23 4.30 1.69 -13.81
CA TYR A 23 3.11 2.40 -13.37
C TYR A 23 2.07 2.54 -14.46
N VAL A 24 0.84 2.81 -14.08
CA VAL A 24 -0.14 3.26 -15.05
C VAL A 24 -0.45 4.72 -14.74
N ARG A 25 -0.97 5.42 -15.75
CA ARG A 25 -1.20 6.86 -15.61
C ARG A 25 -2.36 7.27 -16.49
N GLU A 26 -3.16 8.20 -16.00
CA GLU A 26 -4.42 8.50 -16.60
C GLU A 26 -4.98 9.79 -16.06
N GLY A 27 -5.53 10.62 -16.93
CA GLY A 27 -6.30 11.77 -16.48
C GLY A 27 -5.60 13.09 -16.64
N ALA A 28 -6.25 14.16 -16.20
CA ALA A 28 -5.66 15.48 -16.26
C ALA A 28 -6.03 16.30 -15.02
N GLY A 29 -5.12 17.15 -14.58
CA GLY A 29 -5.34 17.97 -13.40
C GLY A 29 -4.13 17.92 -12.50
N PRO A 30 -4.31 18.23 -11.21
CA PRO A 30 -3.23 18.03 -10.25
C PRO A 30 -2.88 16.55 -10.19
N THR A 31 -1.63 16.24 -9.89
CA THR A 31 -1.21 14.85 -9.82
C THR A 31 -1.70 14.17 -8.54
N LEU A 32 -2.30 13.00 -8.72
CA LEU A 32 -2.75 12.14 -7.63
C LEU A 32 -2.01 10.81 -7.69
N LEU A 33 -1.19 10.56 -6.69
CA LEU A 33 -0.36 9.37 -6.62
C LEU A 33 -0.98 8.36 -5.66
N LEU A 34 -1.39 7.21 -6.19
CA LEU A 34 -2.06 6.17 -5.42
C LEU A 34 -1.12 4.99 -5.14
N LEU A 35 -0.92 4.67 -3.87
CA LEU A 35 0.10 3.69 -3.46
C LEU A 35 -0.51 2.45 -2.81
N HIS A 36 -0.26 1.29 -3.43
CA HIS A 36 -0.91 0.04 -3.03
C HIS A 36 -0.24 -0.64 -1.82
N GLY A 37 -0.82 -1.75 -1.38
CA GLY A 37 -0.21 -2.55 -0.34
C GLY A 37 -0.03 -4.02 -0.70
N TRP A 38 0.20 -4.84 0.32
CA TRP A 38 0.28 -6.29 0.20
C TRP A 38 -1.06 -6.90 0.61
N PRO A 39 -1.55 -7.93 -0.10
CA PRO A 39 -0.93 -8.68 -1.19
C PRO A 39 -1.31 -8.24 -2.60
N GLY A 40 -1.71 -6.99 -2.76
CA GLY A 40 -2.07 -6.50 -4.09
C GLY A 40 -0.90 -5.93 -4.88
N PHE A 41 -1.22 -4.98 -5.74
CA PHE A 41 -0.28 -4.28 -6.61
C PHE A 41 -1.07 -3.11 -7.19
N TRP A 42 -0.56 -2.43 -8.22
CA TRP A 42 -1.21 -1.22 -8.71
C TRP A 42 -2.70 -1.44 -9.03
N TRP A 43 -3.04 -2.63 -9.52
CA TRP A 43 -4.38 -2.88 -10.04
C TRP A 43 -5.47 -2.89 -8.97
N GLU A 44 -5.12 -2.90 -7.69
CA GLU A 44 -6.15 -2.88 -6.65
C GLU A 44 -6.91 -1.55 -6.70
N TRP A 45 -6.28 -0.54 -7.28
CA TRP A 45 -6.90 0.78 -7.46
C TRP A 45 -7.76 0.88 -8.71
N SER A 46 -7.92 -0.23 -9.45
CA SER A 46 -8.51 -0.17 -10.80
C SER A 46 -9.95 0.34 -10.85
N LYS A 47 -10.71 0.17 -9.77
CA LYS A 47 -12.08 0.66 -9.72
C LYS A 47 -12.17 2.18 -9.57
N VAL A 48 -11.13 2.83 -9.04
CA VAL A 48 -11.25 4.26 -8.76
C VAL A 48 -10.43 5.12 -9.70
N ILE A 49 -9.50 4.52 -10.43
CA ILE A 49 -8.60 5.28 -11.30
C ILE A 49 -9.39 6.08 -12.33
N GLY A 50 -10.29 5.41 -13.04
CA GLY A 50 -11.09 6.05 -14.07
C GLY A 50 -11.85 7.26 -13.54
N PRO A 51 -12.73 7.05 -12.53
CA PRO A 51 -13.47 8.16 -11.95
C PRO A 51 -12.58 9.30 -11.45
N LEU A 52 -11.48 8.97 -10.79
CA LEU A 52 -10.61 10.01 -10.26
C LEU A 52 -9.87 10.78 -11.37
N SER A 53 -9.66 10.13 -12.51
CA SER A 53 -8.93 10.74 -13.63
C SER A 53 -9.73 11.89 -14.27
N GLU A 54 -11.01 11.98 -13.94
CA GLU A 54 -11.83 13.11 -14.38
C GLU A 54 -11.41 14.41 -13.72
N ARG A 55 -10.67 14.33 -12.61
CA ARG A 55 -10.29 15.53 -11.87
C ARG A 55 -8.78 15.60 -11.63
N PHE A 56 -8.10 14.47 -11.79
CA PHE A 56 -6.68 14.40 -11.47
C PHE A 56 -5.87 13.70 -12.56
N ASP A 57 -4.59 14.04 -12.60
CA ASP A 57 -3.57 13.24 -13.27
C ASP A 57 -3.19 12.07 -12.34
N VAL A 58 -3.89 10.95 -12.49
CA VAL A 58 -3.72 9.81 -11.59
C VAL A 58 -2.52 8.97 -11.98
N ILE A 59 -1.59 8.80 -11.05
CA ILE A 59 -0.40 7.97 -11.26
C ILE A 59 -0.40 6.81 -10.26
N VAL A 60 -0.30 5.59 -10.76
CA VAL A 60 -0.40 4.42 -9.89
C VAL A 60 0.74 3.44 -10.15
N PRO A 61 1.80 3.50 -9.34
CA PRO A 61 2.95 2.62 -9.53
C PRO A 61 2.86 1.30 -8.77
N ASP A 62 3.59 0.31 -9.24
CA ASP A 62 3.92 -0.85 -8.44
C ASP A 62 5.08 -0.46 -7.55
N LEU A 63 4.99 -0.79 -6.28
CA LEU A 63 6.12 -0.60 -5.38
C LEU A 63 7.29 -1.48 -5.84
N ARG A 64 8.53 -1.06 -5.57
CA ARG A 64 9.66 -1.92 -5.85
C ARG A 64 9.41 -3.27 -5.18
N GLY A 65 9.70 -4.35 -5.88
CA GLY A 65 9.48 -5.67 -5.33
C GLY A 65 8.07 -6.21 -5.56
N PHE A 66 7.22 -5.42 -6.21
CA PHE A 66 5.83 -5.79 -6.47
C PHE A 66 5.47 -5.69 -7.96
N GLY A 67 4.43 -6.42 -8.38
CA GLY A 67 3.86 -6.26 -9.70
C GLY A 67 4.88 -6.40 -10.83
N ASP A 68 4.93 -5.40 -11.71
CA ASP A 68 5.89 -5.40 -12.81
C ASP A 68 7.06 -4.50 -12.53
N SER A 69 7.14 -3.95 -11.32
CA SER A 69 8.32 -3.16 -10.97
C SER A 69 9.46 -4.12 -10.71
N GLU A 70 10.69 -3.61 -10.79
CA GLU A 70 11.86 -4.43 -10.57
C GLU A 70 11.91 -5.02 -9.16
N LYS A 71 12.33 -6.27 -9.07
CA LYS A 71 12.70 -6.90 -7.81
C LYS A 71 14.21 -6.72 -7.61
N PRO A 72 14.60 -5.83 -6.69
CA PRO A 72 16.03 -5.70 -6.41
C PRO A 72 16.61 -7.02 -5.89
N ASP A 73 17.92 -7.20 -6.01
CA ASP A 73 18.68 -8.29 -5.40
C ASP A 73 17.92 -8.89 -4.21
N LEU A 74 17.39 -10.09 -4.41
CA LEU A 74 16.49 -10.72 -3.46
C LEU A 74 17.19 -11.09 -2.14
N SER A 75 18.52 -11.15 -2.17
CA SER A 75 19.29 -11.46 -0.98
C SER A 75 19.65 -10.20 -0.17
N ASP A 76 19.37 -9.02 -0.72
CA ASP A 76 19.75 -7.76 -0.07
C ASP A 76 18.55 -7.05 0.54
N LEU A 77 18.28 -7.31 1.83
CA LEU A 77 17.09 -6.79 2.49
C LEU A 77 17.10 -5.26 2.63
N ALA A 78 18.28 -4.65 2.56
CA ALA A 78 18.36 -3.19 2.60
C ALA A 78 17.64 -2.56 1.41
N GLN A 79 17.53 -3.30 0.32
CA GLN A 79 16.85 -2.80 -0.87
C GLN A 79 15.35 -2.97 -0.78
N TYR A 80 14.87 -3.52 0.33
CA TYR A 80 13.44 -3.67 0.58
C TYR A 80 13.01 -2.88 1.80
N SER A 81 13.84 -1.95 2.26
CA SER A 81 13.45 -1.11 3.38
C SER A 81 12.44 -0.08 2.90
N LEU A 82 11.46 0.23 3.75
CA LEU A 82 10.40 1.16 3.41
C LEU A 82 10.90 2.58 3.18
N GLU A 83 12.04 2.93 3.79
CA GLU A 83 12.64 4.25 3.57
C GLU A 83 13.00 4.44 2.10
N ARG A 84 13.53 3.40 1.47
CA ARG A 84 13.86 3.47 0.05
C ARG A 84 12.62 3.51 -0.83
N VAL A 85 11.55 2.84 -0.39
CA VAL A 85 10.29 2.88 -1.13
C VAL A 85 9.72 4.30 -1.12
N ALA A 86 9.88 5.00 0.00
CA ALA A 86 9.47 6.40 0.05
C ALA A 86 10.37 7.26 -0.86
N ASP A 87 11.67 6.99 -0.85
CA ASP A 87 12.57 7.69 -1.76
C ASP A 87 12.18 7.48 -3.23
N ASP A 88 11.72 6.27 -3.58
CA ASP A 88 11.29 5.96 -4.94
C ASP A 88 10.18 6.89 -5.44
N GLN A 89 9.34 7.34 -4.51
CA GLN A 89 8.20 8.16 -4.89
C GLN A 89 8.68 9.58 -5.20
N ALA A 90 9.64 10.07 -4.44
CA ALA A 90 10.26 11.35 -4.75
C ALA A 90 10.95 11.27 -6.12
N GLU A 91 11.69 10.21 -6.36
CA GLU A 91 12.35 10.03 -7.65
C GLU A 91 11.36 9.91 -8.80
N LEU A 92 10.24 9.25 -8.55
CA LEU A 92 9.22 9.11 -9.59
C LEU A 92 8.70 10.48 -10.00
N LEU A 93 8.37 11.32 -9.01
CA LEU A 93 7.90 12.67 -9.28
C LEU A 93 8.95 13.49 -10.03
N ASN A 94 10.21 13.45 -9.58
CA ASN A 94 11.30 14.11 -10.30
C ASN A 94 11.40 13.67 -11.76
N ALA A 95 11.34 12.37 -11.98
CA ALA A 95 11.47 11.79 -13.31
C ALA A 95 10.33 12.19 -14.23
N LEU A 96 9.16 12.48 -13.65
CA LEU A 96 8.01 12.85 -14.46
C LEU A 96 7.83 14.37 -14.53
N GLY A 97 8.77 15.12 -13.97
CA GLY A 97 8.73 16.57 -13.95
C GLY A 97 7.59 17.14 -13.12
N ILE A 98 7.25 16.47 -12.03
CA ILE A 98 6.14 16.89 -11.18
C ILE A 98 6.66 17.48 -9.88
N ASP A 99 6.27 18.73 -9.61
CA ASP A 99 6.75 19.43 -8.43
C ASP A 99 6.04 18.99 -7.16
N GLN A 100 4.71 18.88 -7.23
CA GLN A 100 3.91 18.52 -6.08
C GLN A 100 2.80 17.55 -6.48
N ALA A 101 2.44 16.65 -5.58
CA ALA A 101 1.32 15.76 -5.81
C ALA A 101 0.46 15.59 -4.56
N TYR A 102 -0.78 15.20 -4.77
CA TYR A 102 -1.58 14.60 -3.71
C TYR A 102 -1.14 13.16 -3.60
N VAL A 103 -0.89 12.69 -2.37
CA VAL A 103 -0.45 11.31 -2.19
C VAL A 103 -1.41 10.52 -1.28
N VAL A 104 -1.70 9.29 -1.69
CA VAL A 104 -2.63 8.41 -0.98
C VAL A 104 -2.00 7.04 -0.77
N GLY A 105 -2.08 6.53 0.46
CA GLY A 105 -1.56 5.21 0.76
C GLY A 105 -2.36 4.44 1.80
N HIS A 106 -2.12 3.13 1.84
CA HIS A 106 -2.63 2.29 2.91
C HIS A 106 -1.71 1.09 3.03
N ASP A 107 -1.89 0.32 4.10
CA ASP A 107 -1.10 -0.89 4.30
C ASP A 107 0.37 -0.47 4.34
N TYR A 108 1.25 -1.17 3.61
CA TYR A 108 2.66 -0.76 3.57
C TYR A 108 2.82 0.69 3.13
N SER A 109 1.96 1.13 2.21
CA SER A 109 2.03 2.49 1.70
C SER A 109 1.51 3.52 2.70
N ALA A 110 0.85 3.06 3.76
CA ALA A 110 0.54 3.96 4.87
C ALA A 110 1.86 4.43 5.52
N ILE A 111 2.82 3.53 5.62
CA ILE A 111 4.13 3.87 6.16
C ILE A 111 4.92 4.72 5.15
N VAL A 112 4.86 4.34 3.88
CA VAL A 112 5.48 5.12 2.82
C VAL A 112 5.01 6.57 2.83
N VAL A 113 3.71 6.79 2.96
CA VAL A 113 3.17 8.14 2.98
C VAL A 113 3.57 8.86 4.27
N HIS A 114 3.48 8.17 5.41
CA HIS A 114 3.98 8.71 6.67
C HIS A 114 5.38 9.28 6.51
N LYS A 115 6.28 8.45 5.97
CA LYS A 115 7.66 8.85 5.71
C LYS A 115 7.77 9.97 4.68
N PHE A 116 7.02 9.84 3.59
CA PHE A 116 7.15 10.75 2.46
C PHE A 116 6.80 12.18 2.81
N ILE A 117 5.69 12.37 3.51
CA ILE A 117 5.22 13.72 3.76
C ILE A 117 6.14 14.45 4.74
N ARG A 118 6.93 13.70 5.50
CA ARG A 118 7.86 14.31 6.44
C ARG A 118 9.24 14.54 5.83
N LYS A 119 9.65 13.61 4.96
CA LYS A 119 10.94 13.70 4.30
C LYS A 119 10.94 14.61 3.07
N TYR A 120 9.82 14.66 2.37
CA TYR A 120 9.68 15.48 1.17
C TYR A 120 8.48 16.41 1.27
N PRO A 121 8.42 17.23 2.34
CA PRO A 121 7.19 17.97 2.62
C PRO A 121 6.81 18.96 1.52
N ASP A 122 7.80 19.42 0.78
CA ASP A 122 7.55 20.38 -0.29
C ASP A 122 7.02 19.74 -1.58
N ARG A 123 6.93 18.41 -1.60
CA ARG A 123 6.41 17.70 -2.77
C ARG A 123 4.98 17.22 -2.60
N VAL A 124 4.34 17.60 -1.50
CA VAL A 124 2.97 17.17 -1.20
C VAL A 124 2.02 18.36 -1.18
N VAL A 125 0.87 18.21 -1.81
CA VAL A 125 -0.20 19.20 -1.68
C VAL A 125 -1.01 18.85 -0.43
N LYS A 126 -1.71 17.71 -0.49
CA LYS A 126 -2.36 17.13 0.67
C LYS A 126 -2.17 15.62 0.61
N ALA A 127 -2.43 14.93 1.71
CA ALA A 127 -2.30 13.48 1.69
C ALA A 127 -3.56 12.80 2.21
N ALA A 128 -3.68 11.52 1.90
CA ALA A 128 -4.71 10.67 2.49
C ALA A 128 -4.12 9.31 2.88
N ILE A 129 -4.52 8.81 4.04
CA ILE A 129 -4.11 7.47 4.48
C ILE A 129 -5.32 6.64 4.91
N PHE A 130 -5.38 5.39 4.45
CA PHE A 130 -6.43 4.50 4.93
C PHE A 130 -5.83 3.53 5.94
N ASP A 131 -6.52 3.36 7.07
CA ASP A 131 -6.04 2.55 8.18
C ASP A 131 -4.56 2.84 8.48
N PRO A 132 -4.25 4.08 8.89
CA PRO A 132 -2.86 4.53 9.07
C PRO A 132 -2.10 3.77 10.16
N ILE A 133 -0.80 3.69 9.90
CA ILE A 133 0.17 2.97 10.72
C ILE A 133 1.24 3.96 11.16
N THR A 134 1.50 4.05 12.46
CA THR A 134 2.45 5.03 13.01
C THR A 134 3.65 4.30 13.60
N PRO A 135 4.69 5.04 14.03
CA PRO A 135 5.83 4.41 14.71
C PRO A 135 5.53 3.59 15.96
N ASP A 136 4.32 3.71 16.51
CA ASP A 136 3.95 2.96 17.71
C ASP A 136 3.18 1.68 17.39
N PHE A 137 3.08 1.36 16.11
CA PHE A 137 2.42 0.14 15.61
C PHE A 137 3.05 -1.15 16.12
N GLY A 138 4.37 -1.21 16.04
CA GLY A 138 5.14 -2.41 16.33
C GLY A 138 4.76 -3.20 17.55
N PRO A 139 4.81 -2.58 18.75
CA PRO A 139 4.46 -3.29 19.99
C PRO A 139 3.03 -3.84 20.00
N PHE A 140 2.09 -3.16 19.38
CA PHE A 140 0.74 -3.69 19.27
C PHE A 140 0.70 -4.89 18.31
N TYR A 141 1.24 -4.70 17.11
CA TYR A 141 1.07 -5.63 16.01
C TYR A 141 1.71 -7.01 16.29
N LEU A 142 2.90 -7.01 16.86
CA LEU A 142 3.57 -8.26 17.21
C LEU A 142 3.33 -8.62 18.67
N GLY A 143 2.43 -7.89 19.33
CA GLY A 143 2.10 -8.16 20.72
C GLY A 143 1.04 -9.23 20.88
N PHE A 144 0.66 -9.49 22.13
CA PHE A 144 -0.41 -10.43 22.46
C PHE A 144 -1.61 -9.60 22.84
N PRO A 145 -2.80 -9.93 22.32
CA PRO A 145 -3.12 -11.09 21.47
C PRO A 145 -3.08 -10.86 19.95
N HIS A 146 -2.52 -9.75 19.47
CA HIS A 146 -2.62 -9.49 18.03
C HIS A 146 -1.82 -10.47 17.15
N ILE A 147 -0.93 -11.26 17.74
CA ILE A 147 -0.24 -12.31 16.97
C ILE A 147 -1.22 -13.30 16.35
N ALA A 148 -2.44 -13.36 16.84
CA ALA A 148 -3.46 -14.19 16.21
C ALA A 148 -3.74 -13.67 14.80
N GLU A 149 -3.49 -12.38 14.59
CA GLU A 149 -3.70 -11.76 13.29
C GLU A 149 -2.39 -11.56 12.52
N SER A 150 -1.29 -11.32 13.25
CA SER A 150 -0.02 -10.95 12.61
C SER A 150 0.96 -12.09 12.35
N TRP A 151 0.53 -13.32 12.66
CA TRP A 151 1.37 -14.53 12.51
C TRP A 151 2.02 -14.62 11.12
N TYR A 152 1.32 -14.16 10.08
CA TYR A 152 1.79 -14.29 8.71
C TYR A 152 3.08 -13.50 8.48
N SER A 153 3.27 -12.40 9.22
CA SER A 153 4.48 -11.60 9.08
C SER A 153 5.70 -12.41 9.48
N GLN A 154 5.51 -13.38 10.36
CA GLN A 154 6.61 -14.22 10.82
C GLN A 154 6.75 -15.48 9.96
N PHE A 155 5.63 -16.03 9.49
CA PHE A 155 5.66 -17.09 8.46
C PHE A 155 6.54 -16.69 7.27
N HIS A 156 6.39 -15.44 6.85
CA HIS A 156 7.12 -14.91 5.69
C HIS A 156 8.62 -14.80 5.88
N GLN A 157 9.09 -14.92 7.12
CA GLN A 157 10.53 -14.92 7.40
C GLN A 157 11.17 -16.22 6.93
N THR A 158 10.36 -17.26 6.70
CA THR A 158 10.94 -18.57 6.42
C THR A 158 11.09 -18.82 4.93
N ASP A 159 12.11 -19.57 4.54
CA ASP A 159 12.23 -19.97 3.15
C ASP A 159 11.06 -20.86 2.75
N MET A 160 10.57 -21.64 3.70
CA MET A 160 9.50 -22.58 3.39
C MET A 160 8.23 -21.85 2.93
N SER A 161 7.97 -20.66 3.47
CA SER A 161 6.79 -19.92 3.03
C SER A 161 6.82 -19.66 1.52
N VAL A 162 7.96 -19.23 0.99
CA VAL A 162 8.06 -19.00 -0.45
C VAL A 162 7.87 -20.31 -1.23
N GLU A 163 8.56 -21.35 -0.78
CA GLU A 163 8.49 -22.65 -1.44
C GLU A 163 7.06 -23.17 -1.49
N LEU A 164 6.36 -23.04 -0.38
CA LEU A 164 4.99 -23.53 -0.28
C LEU A 164 4.02 -22.72 -1.13
N VAL A 165 4.05 -21.39 -0.97
CA VAL A 165 3.08 -20.53 -1.63
C VAL A 165 3.27 -20.51 -3.16
N THR A 166 4.50 -20.71 -3.63
CA THR A 166 4.74 -20.72 -5.08
C THR A 166 4.77 -22.14 -5.66
N SER A 167 4.47 -23.14 -4.85
CA SER A 167 4.62 -24.54 -5.30
C SER A 167 3.64 -24.86 -6.42
N SER A 168 2.52 -24.16 -6.45
CA SER A 168 1.58 -24.29 -7.56
C SER A 168 0.65 -23.10 -7.54
N ARG A 169 -0.01 -22.86 -8.67
CA ARG A 169 -0.97 -21.78 -8.77
C ARG A 169 -2.12 -22.02 -7.78
N GLU A 170 -2.50 -23.28 -7.63
CA GLU A 170 -3.51 -23.68 -6.66
C GLU A 170 -3.11 -23.34 -5.21
N ALA A 171 -1.89 -23.68 -4.81
CA ALA A 171 -1.42 -23.33 -3.47
C ALA A 171 -1.43 -21.81 -3.26
N CYS A 172 -0.97 -21.10 -4.29
CA CYS A 172 -0.90 -19.65 -4.28
C CYS A 172 -2.28 -19.03 -4.07
N ARG A 173 -3.26 -19.50 -4.84
CA ARG A 173 -4.63 -19.02 -4.75
C ARG A 173 -5.21 -19.25 -3.34
N ILE A 174 -5.03 -20.47 -2.83
CA ILE A 174 -5.51 -20.82 -1.50
C ILE A 174 -4.98 -19.87 -0.44
N TYR A 175 -3.68 -19.61 -0.50
CA TYR A 175 -3.02 -18.78 0.50
C TYR A 175 -3.56 -17.35 0.47
N PHE A 176 -3.48 -16.70 -0.68
CA PHE A 176 -3.81 -15.28 -0.77
C PHE A 176 -5.30 -15.00 -0.60
N LYS A 177 -6.15 -15.93 -1.00
CA LYS A 177 -7.59 -15.76 -0.82
C LYS A 177 -7.97 -15.51 0.64
N HIS A 178 -7.29 -16.19 1.56
CA HIS A 178 -7.55 -16.01 2.98
C HIS A 178 -7.44 -14.55 3.40
N PHE A 179 -6.40 -13.89 2.91
CA PHE A 179 -6.16 -12.51 3.34
C PHE A 179 -7.14 -11.54 2.73
N PHE A 180 -7.44 -11.68 1.43
CA PHE A 180 -8.48 -10.87 0.80
C PHE A 180 -9.82 -10.98 1.53
N ASP A 181 -10.18 -12.21 1.88
CA ASP A 181 -11.48 -12.44 2.52
C ASP A 181 -11.50 -12.10 4.02
N HIS A 182 -10.53 -12.60 4.79
CA HIS A 182 -10.52 -12.37 6.25
C HIS A 182 -10.31 -10.89 6.61
N TRP A 183 -9.57 -10.16 5.79
CA TRP A 183 -9.31 -8.76 6.09
C TRP A 183 -10.42 -7.83 5.59
N SER A 184 -11.43 -8.40 4.92
CA SER A 184 -12.54 -7.58 4.44
C SER A 184 -13.72 -7.61 5.38
N TYR A 185 -14.60 -6.63 5.23
CA TYR A 185 -15.80 -6.56 6.04
C TYR A 185 -16.78 -7.68 5.69
N HIS A 186 -17.00 -7.90 4.40
CA HIS A 186 -17.90 -8.95 3.94
C HIS A 186 -17.26 -9.83 2.85
N ALA A 187 -16.92 -11.05 3.21
CA ALA A 187 -16.35 -11.99 2.25
C ALA A 187 -17.47 -12.63 1.45
N PRO A 188 -17.23 -12.92 0.16
CA PRO A 188 -15.96 -12.75 -0.56
C PRO A 188 -15.69 -11.31 -0.98
N LEU A 189 -14.43 -10.90 -0.91
CA LEU A 189 -14.02 -9.62 -1.43
C LEU A 189 -14.10 -9.59 -2.95
N LEU A 190 -13.67 -10.69 -3.56
CA LEU A 190 -13.41 -10.71 -4.99
C LEU A 190 -14.27 -11.73 -5.72
N THR A 191 -14.60 -11.41 -6.97
CA THR A 191 -15.09 -12.43 -7.89
C THR A 191 -13.95 -13.37 -8.22
N GLN A 192 -14.29 -14.50 -8.81
CA GLN A 192 -13.32 -15.48 -9.25
C GLN A 192 -12.33 -14.89 -10.25
N ASP A 193 -12.83 -14.12 -11.21
CA ASP A 193 -11.97 -13.51 -12.21
C ASP A 193 -11.00 -12.50 -11.59
N GLU A 194 -11.49 -11.74 -10.61
CA GLU A 194 -10.64 -10.76 -9.94
C GLU A 194 -9.55 -11.44 -9.15
N LEU A 195 -9.89 -12.50 -8.42
CA LEU A 195 -8.87 -13.25 -7.68
C LEU A 195 -7.83 -13.88 -8.61
N ASP A 196 -8.28 -14.38 -9.77
CA ASP A 196 -7.36 -14.94 -10.75
C ASP A 196 -6.31 -13.93 -11.21
N ILE A 197 -6.72 -12.66 -11.32
CA ILE A 197 -5.81 -11.61 -11.74
C ILE A 197 -4.77 -11.34 -10.65
N TYR A 198 -5.21 -11.29 -9.39
CA TYR A 198 -4.24 -11.15 -8.30
C TYR A 198 -3.28 -12.33 -8.26
N VAL A 199 -3.78 -13.53 -8.51
CA VAL A 199 -2.94 -14.73 -8.48
C VAL A 199 -1.96 -14.72 -9.64
N ASP A 200 -2.42 -14.33 -10.83
CA ASP A 200 -1.53 -14.14 -11.99
C ASP A 200 -0.34 -13.28 -11.59
N ASN A 201 -0.60 -12.18 -10.90
CA ASN A 201 0.47 -11.28 -10.50
C ASN A 201 1.42 -11.89 -9.47
N CYS A 202 0.86 -12.54 -8.46
CA CYS A 202 1.66 -13.19 -7.41
C CYS A 202 2.56 -14.29 -7.97
N MET A 203 2.10 -14.95 -9.03
CA MET A 203 2.82 -16.06 -9.64
C MET A 203 3.90 -15.60 -10.64
N LYS A 204 3.94 -14.31 -10.97
CA LYS A 204 5.06 -13.79 -11.74
C LYS A 204 6.36 -14.06 -11.00
N PRO A 205 7.43 -14.33 -11.74
CA PRO A 205 8.73 -14.70 -11.14
C PRO A 205 9.17 -13.71 -10.09
N ASN A 206 9.51 -14.24 -8.91
CA ASN A 206 10.03 -13.50 -7.77
C ASN A 206 9.03 -12.60 -7.03
N ASN A 207 7.78 -12.54 -7.48
CA ASN A 207 6.83 -11.64 -6.81
C ASN A 207 6.40 -12.06 -5.39
N VAL A 208 6.22 -13.35 -5.15
CA VAL A 208 5.90 -13.78 -3.80
C VAL A 208 7.11 -13.50 -2.89
N HIS A 209 8.29 -13.91 -3.33
CA HIS A 209 9.56 -13.68 -2.63
C HIS A 209 9.78 -12.17 -2.37
N GLY A 210 9.57 -11.36 -3.42
CA GLY A 210 9.70 -9.92 -3.32
C GLY A 210 8.83 -9.34 -2.22
N GLY A 211 7.56 -9.77 -2.20
CA GLY A 211 6.63 -9.30 -1.19
C GLY A 211 7.03 -9.75 0.20
N PHE A 212 7.44 -11.00 0.35
CA PHE A 212 7.86 -11.53 1.64
C PHE A 212 9.11 -10.82 2.17
N ASN A 213 9.96 -10.35 1.25
CA ASN A 213 11.13 -9.56 1.63
C ASN A 213 10.77 -8.26 2.35
N TYR A 214 9.59 -7.72 2.07
CA TYR A 214 9.12 -6.55 2.81
C TYR A 214 8.97 -6.88 4.28
N TYR A 215 8.45 -8.08 4.56
CA TYR A 215 8.28 -8.55 5.94
C TYR A 215 9.62 -8.83 6.59
N ARG A 216 10.55 -9.38 5.83
CA ARG A 216 11.88 -9.70 6.36
C ARG A 216 12.68 -8.44 6.69
N SER A 217 12.55 -7.42 5.86
CA SER A 217 13.29 -6.18 6.03
C SER A 217 12.66 -5.26 7.08
N ASN A 218 11.34 -5.24 7.13
CA ASN A 218 10.65 -4.24 7.93
C ASN A 218 9.85 -4.78 9.12
N LEU A 219 9.68 -6.09 9.19
CA LEU A 219 8.80 -6.65 10.21
C LEU A 219 9.33 -7.92 10.89
N SER A 220 10.63 -8.16 10.77
CA SER A 220 11.29 -9.18 11.56
C SER A 220 11.32 -8.71 13.02
N VAL A 221 11.57 -9.63 13.95
CA VAL A 221 11.61 -9.23 15.35
C VAL A 221 12.85 -8.37 15.71
N THR A 222 13.74 -8.15 14.77
CA THR A 222 14.86 -7.23 15.00
C THR A 222 14.83 -6.06 14.02
N SER A 223 13.72 -5.88 13.30
CA SER A 223 13.59 -4.79 12.34
C SER A 223 13.22 -3.47 12.99
N ASP A 224 13.67 -2.37 12.40
CA ASP A 224 13.21 -1.05 12.81
C ASP A 224 13.18 -0.12 11.60
N PRO A 225 12.01 -0.03 10.96
CA PRO A 225 11.84 0.71 9.71
C PRO A 225 11.65 2.20 9.91
N TRP A 226 11.49 2.64 11.16
CA TRP A 226 11.19 4.03 11.45
C TRP A 226 12.45 4.87 11.71
N THR A 227 12.44 6.12 11.27
CA THR A 227 13.54 7.06 11.52
C THR A 227 13.16 8.10 12.57
N ASP A 228 14.12 8.91 13.01
CA ASP A 228 13.80 9.98 13.95
C ASP A 228 12.81 10.94 13.34
N LEU A 229 12.98 11.20 12.04
CA LEU A 229 12.12 12.14 11.34
C LEU A 229 10.68 11.65 11.32
N ASP A 230 10.49 10.34 11.21
CA ASP A 230 9.16 9.73 11.28
C ASP A 230 8.43 10.00 12.59
N ARG A 231 9.21 10.20 13.64
CA ARG A 231 8.65 10.47 14.97
C ARG A 231 8.42 11.97 15.21
N THR A 232 7.99 12.67 14.17
CA THR A 232 7.68 14.07 14.30
C THR A 232 6.22 14.29 13.94
N VAL A 233 5.66 15.38 14.45
CA VAL A 233 4.30 15.76 14.15
C VAL A 233 4.26 16.39 12.78
N SER A 234 3.29 16.02 11.96
CA SER A 234 3.08 16.68 10.69
C SER A 234 1.85 17.56 10.74
N ASP A 235 1.94 18.80 10.26
CA ASP A 235 0.73 19.61 10.16
C ASP A 235 0.24 19.76 8.72
N LEU A 236 0.64 18.83 7.85
CA LEU A 236 0.05 18.75 6.52
C LEU A 236 -1.40 18.27 6.64
N PRO A 237 -2.29 18.78 5.78
CA PRO A 237 -3.68 18.31 5.78
C PRO A 237 -3.73 16.86 5.36
N VAL A 238 -4.26 16.00 6.21
CA VAL A 238 -4.34 14.58 5.90
C VAL A 238 -5.76 14.06 6.09
N THR A 239 -6.29 13.43 5.05
CA THR A 239 -7.60 12.81 5.09
C THR A 239 -7.45 11.33 5.45
N MET A 240 -8.04 10.91 6.55
CA MET A 240 -7.89 9.52 6.96
C MET A 240 -9.21 8.78 6.99
N LEU A 241 -9.20 7.55 6.53
CA LEU A 241 -10.37 6.68 6.60
C LEU A 241 -9.97 5.42 7.33
N TRP A 242 -10.93 4.82 8.01
CA TRP A 242 -10.71 3.51 8.59
C TRP A 242 -11.85 2.59 8.22
N GLY A 243 -11.51 1.38 7.79
CA GLY A 243 -12.51 0.35 7.62
C GLY A 243 -12.65 -0.39 8.92
N VAL A 244 -13.83 -0.31 9.55
CA VAL A 244 -13.97 -0.87 10.89
C VAL A 244 -13.91 -2.39 10.85
N GLY A 245 -14.11 -2.98 9.67
CA GLY A 245 -13.98 -4.42 9.52
C GLY A 245 -12.55 -4.95 9.38
N ASP A 246 -11.57 -4.06 9.39
CA ASP A 246 -10.15 -4.43 9.28
C ASP A 246 -9.68 -5.09 10.59
N PRO A 247 -9.35 -6.38 10.55
CA PRO A 247 -8.90 -7.04 11.79
C PRO A 247 -7.39 -6.94 12.01
N VAL A 248 -6.61 -6.64 10.97
CA VAL A 248 -5.16 -6.73 11.10
C VAL A 248 -4.56 -5.36 11.44
N VAL A 249 -5.19 -4.29 10.95
CA VAL A 249 -4.89 -2.94 11.39
C VAL A 249 -6.21 -2.31 11.88
N PRO A 250 -6.65 -2.67 13.10
CA PRO A 250 -7.99 -2.33 13.60
C PRO A 250 -8.19 -0.86 13.99
N SER A 251 -9.44 -0.43 13.95
CA SER A 251 -9.80 0.98 14.16
C SER A 251 -9.45 1.50 15.55
N SER A 252 -9.13 0.60 16.48
CA SER A 252 -8.64 1.02 17.79
C SER A 252 -7.37 1.86 17.66
N LEU A 253 -6.61 1.62 16.59
CA LEU A 253 -5.32 2.29 16.39
C LEU A 253 -5.45 3.77 16.04
N VAL A 254 -6.67 4.28 15.91
CA VAL A 254 -6.87 5.73 15.85
C VAL A 254 -6.18 6.42 17.03
N HIS A 255 -6.10 5.74 18.17
CA HIS A 255 -5.56 6.40 19.35
C HIS A 255 -4.06 6.71 19.19
N GLN A 256 -3.40 6.09 18.22
CA GLN A 256 -1.98 6.36 17.99
C GLN A 256 -1.73 7.55 17.07
N VAL A 257 -2.78 8.03 16.42
CA VAL A 257 -2.64 9.08 15.40
C VAL A 257 -2.37 10.49 15.96
N PRO A 258 -3.08 10.94 17.02
CA PRO A 258 -2.88 12.31 17.50
C PRO A 258 -1.45 12.69 17.88
N ASN A 259 -0.61 11.73 18.25
CA ASN A 259 0.77 12.06 18.57
C ASN A 259 1.58 12.43 17.34
N TYR A 260 1.06 12.15 16.13
CA TYR A 260 1.84 12.38 14.92
C TYR A 260 1.22 13.37 13.96
N TYR A 261 -0.03 13.77 14.21
CA TYR A 261 -0.73 14.66 13.27
C TYR A 261 -1.51 15.73 14.00
N SER A 262 -1.50 16.95 13.47
CA SER A 262 -2.22 18.06 14.08
C SER A 262 -3.24 18.66 13.14
N ASN A 263 -3.36 18.12 11.93
CA ASN A 263 -4.22 18.71 10.92
C ASN A 263 -4.81 17.61 10.04
N TYR A 264 -5.75 16.86 10.60
CA TYR A 264 -6.31 15.71 9.90
C TYR A 264 -7.82 15.59 10.08
N THR A 265 -8.43 14.77 9.24
CA THR A 265 -9.77 14.28 9.49
C THR A 265 -9.73 12.75 9.58
N MET A 266 -10.70 12.20 10.28
CA MET A 266 -10.83 10.74 10.42
C MET A 266 -12.28 10.35 10.25
N GLU A 267 -12.53 9.31 9.46
CA GLU A 267 -13.88 8.80 9.29
C GLU A 267 -13.88 7.27 9.34
N LEU A 268 -14.66 6.70 10.24
CA LEU A 268 -14.76 5.24 10.33
C LEU A 268 -15.86 4.76 9.39
N ILE A 269 -15.47 4.00 8.37
CA ILE A 269 -16.42 3.44 7.42
C ILE A 269 -16.96 2.10 7.95
N GLN A 270 -18.28 2.03 8.13
CA GLN A 270 -18.89 0.91 8.86
C GLN A 270 -18.92 -0.41 8.12
N ASP A 271 -18.92 -0.39 6.78
CA ASP A 271 -19.01 -1.64 6.04
C ASP A 271 -17.80 -1.87 5.16
N ALA A 272 -16.63 -1.51 5.66
CA ALA A 272 -15.39 -1.76 4.94
C ALA A 272 -14.34 -2.36 5.87
N GLY A 273 -13.46 -3.17 5.29
CA GLY A 273 -12.32 -3.72 6.00
C GLY A 273 -11.04 -3.09 5.49
N HIS A 274 -10.03 -3.92 5.26
CA HIS A 274 -8.67 -3.47 4.97
C HIS A 274 -8.46 -2.92 3.54
N PHE A 275 -9.35 -3.28 2.61
CA PHE A 275 -9.18 -2.90 1.20
C PHE A 275 -10.27 -1.94 0.76
N MET A 276 -10.16 -0.69 1.23
CA MET A 276 -11.20 0.30 1.04
C MET A 276 -11.48 0.56 -0.45
N MET A 277 -10.42 0.59 -1.26
CA MET A 277 -10.56 0.93 -2.67
C MET A 277 -11.19 -0.22 -3.46
N VAL A 278 -11.14 -1.42 -2.89
CA VAL A 278 -11.76 -2.59 -3.52
C VAL A 278 -13.20 -2.80 -3.02
N GLU A 279 -13.39 -2.69 -1.71
CA GLU A 279 -14.67 -3.01 -1.10
C GLU A 279 -15.65 -1.82 -1.18
N LYS A 280 -15.16 -0.61 -1.02
CA LYS A 280 -16.02 0.58 -1.09
C LYS A 280 -15.43 1.64 -2.02
N PRO A 281 -15.33 1.32 -3.31
CA PRO A 281 -14.66 2.24 -4.24
C PRO A 281 -15.34 3.60 -4.34
N GLU A 282 -16.67 3.64 -4.25
CA GLU A 282 -17.39 4.92 -4.35
C GLU A 282 -17.10 5.82 -3.16
N VAL A 283 -16.91 5.23 -1.98
CA VAL A 283 -16.48 6.01 -0.81
C VAL A 283 -15.11 6.62 -1.06
N VAL A 284 -14.18 5.82 -1.56
CA VAL A 284 -12.84 6.31 -1.84
C VAL A 284 -12.88 7.49 -2.83
N ILE A 285 -13.61 7.31 -3.92
CA ILE A 285 -13.69 8.35 -4.94
C ILE A 285 -14.27 9.64 -4.35
N ASP A 286 -15.36 9.49 -3.59
CA ASP A 286 -16.05 10.63 -3.01
C ASP A 286 -15.18 11.36 -1.99
N ARG A 287 -14.58 10.60 -1.06
CA ARG A 287 -13.82 11.22 0.02
C ARG A 287 -12.53 11.89 -0.47
N LEU A 288 -11.90 11.33 -1.51
CA LEU A 288 -10.68 11.93 -2.05
C LEU A 288 -11.01 13.18 -2.87
N LYS A 289 -12.04 13.09 -3.70
CA LYS A 289 -12.52 14.27 -4.43
C LYS A 289 -12.89 15.40 -3.47
N ALA A 290 -13.56 15.05 -2.38
CA ALA A 290 -13.95 16.04 -1.37
C ALA A 290 -12.74 16.57 -0.60
N GLY A 291 -11.93 15.65 -0.07
CA GLY A 291 -10.77 16.03 0.71
C GLY A 291 -9.75 16.85 -0.06
N PHE A 292 -9.62 16.58 -1.35
CA PHE A 292 -8.58 17.21 -2.17
C PHE A 292 -9.14 18.28 -3.11
N ARG A 293 -10.30 18.84 -2.76
CA ARG A 293 -10.98 19.79 -3.65
C ARG A 293 -10.12 21.03 -3.91
#